data_4HKK
#
_entry.id   4HKK
#
_cell.length_a   93.970
_cell.length_b   95.570
_cell.length_c   118.250
_cell.angle_alpha   90.00
_cell.angle_beta   90.00
_cell.angle_gamma   90.00
#
_symmetry.space_group_name_H-M   'C 2 2 21'
#
loop_
_entity.id
_entity.type
_entity.pdbx_description
1 polymer Tankyrase-2
2 polymer Tankyrase-2
3 non-polymer 'ZINC ION'
4 non-polymer 'SULFATE ION'
5 non-polymer 5,7-dihydroxy-2-(4-hydroxyphenyl)-4H-chromen-4-one
6 non-polymer DI(HYDROXYETHYL)ETHER
7 water water
#
loop_
_entity_poly.entity_id
_entity_poly.type
_entity_poly.pdbx_seq_one_letter_code
_entity_poly.pdbx_strand_id
1 'polypeptide(L)'
;MHHHHHHSSGVDLGTENLYFQSMLNTSGSGTILIDLSPDDKEFQSVEEEMQSTVREHRDGGHAGGIFNRYNILKIQKVCN
KKLWERYTHRRKEVSEENHNHANERMLFHGSPFVNAIIHKGFDERHAYIGGMFGAGIYFAENSSKSNQYVYGIGGGTGCP
VHKDRSCYICHRQLLFCRVTLGKSFLQFSAM
;
A,C
2 'polypeptide(L)' KMAHSPPGHHSVTGRPSVNGLALAEYVIYRGEQAYPEYLITYQIMRPEG B,D
#
loop_
_chem_comp.id
_chem_comp.type
_chem_comp.name
_chem_comp.formula
AGI non-polymer 5,7-dihydroxy-2-(4-hydroxyphenyl)-4H-chromen-4-one 'C15 H10 O5'
PEG non-polymer DI(HYDROXYETHYL)ETHER 'C4 H10 O3'
SO4 non-polymer 'SULFATE ION' 'O4 S -2'
ZN non-polymer 'ZINC ION' 'Zn 2'
#
# COMPACT_ATOMS: atom_id res chain seq x y z
N GLY A 30 -12.66 -11.07 -7.07
CA GLY A 30 -12.84 -10.33 -8.37
C GLY A 30 -12.04 -9.02 -8.44
N THR A 31 -11.62 -8.49 -7.29
CA THR A 31 -10.95 -7.20 -7.26
C THR A 31 -9.43 -7.33 -7.34
N ILE A 32 -8.82 -6.55 -8.23
CA ILE A 32 -7.37 -6.39 -8.19
C ILE A 32 -7.00 -4.93 -7.95
N LEU A 33 -5.88 -4.73 -7.26
CA LEU A 33 -5.41 -3.41 -6.86
C LEU A 33 -4.14 -3.09 -7.59
N ILE A 34 -4.16 -2.02 -8.38
CA ILE A 34 -2.96 -1.63 -9.15
C ILE A 34 -2.30 -0.40 -8.52
N ASP A 35 -1.06 -0.56 -8.06
CA ASP A 35 -0.30 0.54 -7.49
CA ASP A 35 -0.25 0.55 -7.50
C ASP A 35 -0.01 1.61 -8.54
N LEU A 36 -0.26 2.87 -8.21
CA LEU A 36 0.11 3.95 -9.10
C LEU A 36 1.47 4.51 -8.67
N SER A 37 2.33 4.84 -9.64
CA SER A 37 3.64 5.40 -9.35
C SER A 37 3.45 6.86 -8.99
N PRO A 38 4.21 7.37 -7.99
CA PRO A 38 4.18 8.80 -7.63
C PRO A 38 4.53 9.70 -8.82
N ASP A 39 5.16 9.14 -9.86
CA ASP A 39 5.50 9.88 -11.09
C ASP A 39 4.32 9.97 -12.04
N ASP A 40 3.30 9.17 -11.81
CA ASP A 40 2.16 9.10 -12.71
C ASP A 40 1.27 10.34 -12.48
N LYS A 41 0.83 10.97 -13.57
CA LYS A 41 -0.10 12.12 -13.50
C LYS A 41 -1.38 11.76 -12.69
N GLU A 42 -1.80 10.50 -12.77
CA GLU A 42 -2.99 10.07 -12.07
C GLU A 42 -2.77 10.09 -10.55
N PHE A 43 -1.60 9.61 -10.09
CA PHE A 43 -1.24 9.68 -8.67
C PHE A 43 -1.26 11.13 -8.21
N GLN A 44 -0.66 12.00 -9.01
CA GLN A 44 -0.48 13.36 -8.56
C GLN A 44 -1.80 14.10 -8.48
N SER A 45 -2.72 13.84 -9.39
CA SER A 45 -3.98 14.58 -9.32
C SER A 45 -4.85 14.07 -8.14
N VAL A 46 -4.81 12.75 -7.85
CA VAL A 46 -5.50 12.20 -6.67
C VAL A 46 -4.90 12.76 -5.37
N GLU A 47 -3.56 12.77 -5.28
CA GLU A 47 -2.91 13.34 -4.10
C GLU A 47 -3.28 14.80 -3.97
N GLU A 48 -3.36 15.54 -5.08
CA GLU A 48 -3.66 16.97 -4.97
C GLU A 48 -5.06 17.19 -4.36
N GLU A 49 -6.03 16.37 -4.78
CA GLU A 49 -7.37 16.44 -4.25
C GLU A 49 -7.41 16.13 -2.75
N MET A 50 -6.68 15.11 -2.31
CA MET A 50 -6.53 14.81 -0.88
C MET A 50 -6.02 16.01 -0.08
N GLN A 51 -4.84 16.50 -0.44
CA GLN A 51 -4.16 17.52 0.36
C GLN A 51 -4.93 18.84 0.34
N SER A 52 -5.49 19.22 -0.81
CA SER A 52 -6.03 20.56 -0.94
C SER A 52 -7.40 20.70 -0.30
N THR A 53 -8.00 19.60 0.14
CA THR A 53 -9.33 19.65 0.74
C THR A 53 -9.30 19.37 2.26
N VAL A 54 -8.11 19.46 2.86
CA VAL A 54 -8.02 19.42 4.31
C VAL A 54 -8.56 20.74 4.83
N ARG A 55 -9.34 20.69 5.91
CA ARG A 55 -9.81 21.90 6.59
C ARG A 55 -9.67 21.70 8.11
N GLU A 56 -9.86 22.78 8.89
CA GLU A 56 -9.97 22.64 10.34
C GLU A 56 -11.39 22.17 10.68
N HIS A 57 -11.50 21.36 11.72
CA HIS A 57 -12.79 20.90 12.19
C HIS A 57 -13.22 21.51 13.51
N ARG A 58 -14.52 21.61 13.70
CA ARG A 58 -15.06 22.30 14.88
C ARG A 58 -14.78 21.58 16.22
N ASP A 59 -14.44 20.29 16.17
CA ASP A 59 -14.06 19.54 17.36
C ASP A 59 -12.58 19.71 17.75
N GLY A 60 -11.88 20.61 17.10
CA GLY A 60 -10.44 20.81 17.32
C GLY A 60 -9.56 19.58 17.09
N GLY A 61 -10.03 18.62 16.31
CA GLY A 61 -9.25 17.39 16.03
C GLY A 61 -9.64 16.18 16.87
N HIS A 62 -10.68 16.33 17.67
CA HIS A 62 -11.16 15.25 18.52
C HIS A 62 -11.36 13.95 17.80
N ALA A 63 -12.11 13.98 16.70
CA ALA A 63 -12.50 12.78 15.95
C ALA A 63 -11.37 12.24 15.07
N GLY A 64 -10.71 13.12 14.30
CA GLY A 64 -9.77 12.67 13.26
C GLY A 64 -8.32 13.04 13.48
N GLY A 65 -8.01 13.66 14.61
CA GLY A 65 -6.63 14.15 14.81
C GLY A 65 -6.36 15.60 14.45
N ILE A 66 -5.24 16.09 14.92
CA ILE A 66 -4.77 17.45 14.61
C ILE A 66 -3.74 17.43 13.47
N PHE A 67 -4.03 18.07 12.34
CA PHE A 67 -3.15 17.98 11.15
C PHE A 67 -3.61 19.00 10.13
N ASN A 68 -2.68 19.49 9.31
CA ASN A 68 -2.94 20.37 8.16
C ASN A 68 -2.68 19.67 6.84
N ARG A 69 -2.03 18.49 6.88
CA ARG A 69 -1.66 17.78 5.65
C ARG A 69 -1.38 16.31 5.91
N TYR A 70 -1.29 15.51 4.85
CA TYR A 70 -1.03 14.09 4.98
C TYR A 70 0.34 13.68 4.44
N ASN A 71 0.83 12.54 4.94
CA ASN A 71 1.90 11.79 4.26
C ASN A 71 1.25 10.67 3.45
N ILE A 72 1.20 10.84 2.14
CA ILE A 72 0.58 9.85 1.28
C ILE A 72 1.59 8.71 1.07
N LEU A 73 1.22 7.48 1.40
CA LEU A 73 2.11 6.31 1.32
C LEU A 73 1.90 5.48 0.08
N LYS A 74 0.66 5.40 -0.39
CA LYS A 74 0.33 4.56 -1.52
C LYS A 74 -1.02 5.00 -2.07
N ILE A 75 -1.18 4.91 -3.40
CA ILE A 75 -2.50 5.13 -4.04
C ILE A 75 -2.67 3.96 -4.99
N GLN A 76 -3.69 3.16 -4.74
CA GLN A 76 -4.02 2.04 -5.60
C GLN A 76 -5.31 2.24 -6.35
N LYS A 77 -5.29 1.88 -7.64
CA LYS A 77 -6.51 1.85 -8.44
C LYS A 77 -7.24 0.52 -8.17
N VAL A 78 -8.55 0.60 -7.90
CA VAL A 78 -9.37 -0.55 -7.56
C VAL A 78 -10.09 -1.03 -8.83
N CYS A 79 -9.88 -2.29 -9.20
CA CYS A 79 -10.33 -2.79 -10.49
C CYS A 79 -11.19 -4.02 -10.28
N ASN A 80 -12.48 -3.88 -10.59
CA ASN A 80 -13.44 -4.98 -10.40
C ASN A 80 -14.54 -4.82 -11.44
N LYS A 81 -14.51 -5.73 -12.41
CA LYS A 81 -15.40 -5.71 -13.56
C LYS A 81 -16.88 -5.70 -13.18
N LYS A 82 -17.25 -6.59 -12.28
CA LYS A 82 -18.63 -6.75 -11.85
C LYS A 82 -19.15 -5.53 -11.13
N LEU A 83 -18.32 -4.98 -10.24
CA LEU A 83 -18.70 -3.81 -9.49
C LEU A 83 -18.75 -2.59 -10.38
N TRP A 84 -17.85 -2.50 -11.35
CA TRP A 84 -17.89 -1.38 -12.32
C TRP A 84 -19.14 -1.38 -13.18
N GLU A 85 -19.48 -2.56 -13.73
CA GLU A 85 -20.72 -2.72 -14.52
C GLU A 85 -22.01 -2.51 -13.73
N ARG A 86 -22.00 -2.88 -12.46
CA ARG A 86 -23.07 -2.52 -11.54
C ARG A 86 -23.25 -0.99 -11.44
N TYR A 87 -22.12 -0.30 -11.29
CA TYR A 87 -22.09 1.14 -11.18
C TYR A 87 -22.59 1.84 -12.45
N THR A 88 -22.04 1.48 -13.60
CA THR A 88 -22.42 2.14 -14.87
C THR A 88 -23.85 1.84 -15.30
N HIS A 89 -24.37 0.67 -14.94
CA HIS A 89 -25.78 0.36 -15.22
C HIS A 89 -26.74 1.25 -14.47
N ARG A 90 -26.45 1.47 -13.20
CA ARG A 90 -27.25 2.35 -12.38
C ARG A 90 -27.08 3.81 -12.84
N ARG A 91 -25.88 4.15 -13.30
CA ARG A 91 -25.58 5.53 -13.64
C ARG A 91 -26.44 5.96 -14.84
N LYS A 92 -26.55 5.05 -15.80
CA LYS A 92 -27.39 5.24 -17.01
C LYS A 92 -28.85 5.42 -16.64
N GLU A 93 -29.37 4.59 -15.71
CA GLU A 93 -30.75 4.76 -15.22
C GLU A 93 -30.99 6.13 -14.62
N VAL A 94 -30.06 6.57 -13.77
CA VAL A 94 -30.18 7.87 -13.10
C VAL A 94 -30.11 8.96 -14.15
N SER A 95 -29.14 8.85 -15.07
CA SER A 95 -28.92 9.86 -16.09
C SER A 95 -30.22 10.04 -16.88
N GLU A 96 -30.82 8.92 -17.26
CA GLU A 96 -32.08 8.94 -18.01
C GLU A 96 -33.27 9.53 -17.26
N GLU A 97 -33.23 9.51 -15.93
CA GLU A 97 -34.27 10.15 -15.14
C GLU A 97 -33.94 11.62 -14.82
N ASN A 98 -32.83 12.16 -15.33
CA ASN A 98 -32.37 13.49 -14.92
C ASN A 98 -31.77 14.25 -16.10
N HIS A 99 -32.59 14.47 -17.13
CA HIS A 99 -32.15 15.15 -18.36
C HIS A 99 -30.77 14.76 -18.84
N ASN A 100 -30.51 13.45 -18.87
CA ASN A 100 -29.23 12.90 -19.37
C ASN A 100 -28.02 13.42 -18.59
N HIS A 101 -28.19 13.56 -17.29
CA HIS A 101 -27.15 14.10 -16.43
C HIS A 101 -27.01 13.25 -15.19
N ALA A 102 -25.98 12.41 -15.17
CA ALA A 102 -25.70 11.53 -14.01
C ALA A 102 -25.30 12.35 -12.76
N ASN A 103 -24.78 13.57 -12.98
CA ASN A 103 -24.28 14.42 -11.91
C ASN A 103 -23.23 13.65 -11.10
N GLU A 104 -22.24 13.12 -11.84
CA GLU A 104 -21.19 12.30 -11.25
C GLU A 104 -20.08 13.13 -10.59
N ARG A 105 -19.74 12.81 -9.34
CA ARG A 105 -18.64 13.49 -8.64
C ARG A 105 -17.55 12.49 -8.19
N MET A 106 -16.39 13.01 -7.79
CA MET A 106 -15.37 12.19 -7.11
C MET A 106 -15.35 12.69 -5.68
N LEU A 107 -15.56 11.80 -4.72
CA LEU A 107 -15.77 12.20 -3.34
C LEU A 107 -15.08 11.21 -2.39
N PHE A 108 -14.80 11.65 -1.16
CA PHE A 108 -14.04 10.81 -0.21
C PHE A 108 -14.95 10.03 0.72
N HIS A 109 -14.53 8.84 1.10
CA HIS A 109 -15.28 8.00 2.04
C HIS A 109 -14.29 7.34 2.97
N GLY A 110 -14.48 7.50 4.29
CA GLY A 110 -13.54 6.90 5.27
C GLY A 110 -14.36 5.90 6.09
N SER A 111 -13.80 4.71 6.38
CA SER A 111 -14.61 3.66 7.03
C SER A 111 -13.76 2.51 7.54
N PRO A 112 -14.10 1.95 8.72
CA PRO A 112 -13.38 0.74 9.18
C PRO A 112 -13.57 -0.43 8.21
N PHE A 113 -14.58 -0.34 7.33
CA PHE A 113 -14.93 -1.45 6.44
C PHE A 113 -14.37 -1.30 5.01
N VAL A 114 -13.35 -0.46 4.84
CA VAL A 114 -12.79 -0.20 3.50
C VAL A 114 -12.36 -1.50 2.77
N ASN A 115 -11.87 -2.48 3.51
CA ASN A 115 -11.46 -3.75 2.87
C ASN A 115 -12.61 -4.57 2.32
N ALA A 116 -13.72 -4.61 3.06
CA ALA A 116 -14.94 -5.19 2.54
C ALA A 116 -15.49 -4.43 1.33
N ILE A 117 -15.44 -3.08 1.38
CA ILE A 117 -15.99 -2.25 0.31
C ILE A 117 -15.32 -2.53 -1.08
N ILE A 118 -14.00 -2.59 -1.09
CA ILE A 118 -13.26 -2.77 -2.34
C ILE A 118 -13.47 -4.14 -2.98
N HIS A 119 -13.82 -5.14 -2.17
CA HIS A 119 -14.06 -6.50 -2.66
C HIS A 119 -15.47 -6.76 -2.99
N LYS A 120 -16.38 -6.19 -2.22
CA LYS A 120 -17.79 -6.55 -2.34
C LYS A 120 -18.71 -5.40 -2.78
N GLY A 121 -18.16 -4.18 -2.80
CA GLY A 121 -18.94 -2.99 -3.17
C GLY A 121 -19.65 -2.38 -1.97
N PHE A 122 -20.22 -1.19 -2.17
CA PHE A 122 -21.00 -0.54 -1.12
C PHE A 122 -22.35 -1.25 -0.98
N ASP A 123 -22.82 -1.41 0.26
CA ASP A 123 -24.18 -1.90 0.55
C ASP A 123 -24.70 -1.32 1.87
N GLU A 124 -25.92 -1.69 2.26
CA GLU A 124 -26.50 -1.25 3.54
C GLU A 124 -25.66 -1.49 4.82
N ARG A 125 -24.76 -2.47 4.80
CA ARG A 125 -23.90 -2.66 5.96
C ARG A 125 -22.86 -1.56 6.10
N HIS A 126 -22.78 -0.71 5.08
CA HIS A 126 -21.91 0.50 5.09
C HIS A 126 -22.68 1.80 5.31
N ALA A 127 -23.98 1.66 5.62
CA ALA A 127 -24.87 2.79 5.84
C ALA A 127 -24.62 3.36 7.22
N TYR A 128 -24.67 4.69 7.31
CA TYR A 128 -24.59 5.44 8.57
C TYR A 128 -26.02 5.55 9.04
N ILE A 129 -26.44 4.57 9.82
CA ILE A 129 -27.85 4.45 10.16
C ILE A 129 -28.33 5.72 10.83
N GLY A 130 -27.50 6.30 11.69
CA GLY A 130 -27.88 7.47 12.46
C GLY A 130 -27.37 8.81 11.97
N GLY A 131 -27.02 8.91 10.69
CA GLY A 131 -26.51 10.17 10.20
C GLY A 131 -27.57 11.25 10.02
N MET A 132 -27.09 12.48 9.93
CA MET A 132 -27.84 13.70 9.76
C MET A 132 -28.95 13.65 8.71
N PHE A 133 -28.65 13.07 7.55
CA PHE A 133 -29.57 13.12 6.44
C PHE A 133 -30.20 11.77 6.15
N GLY A 134 -30.36 10.95 7.18
CA GLY A 134 -30.99 9.65 7.00
C GLY A 134 -30.03 8.49 6.91
N ALA A 135 -30.59 7.28 6.95
CA ALA A 135 -29.82 6.05 6.85
C ALA A 135 -29.34 5.84 5.40
N GLY A 136 -28.17 6.38 5.07
CA GLY A 136 -27.57 6.19 3.75
C GLY A 136 -26.06 6.09 3.78
N ILE A 137 -25.42 6.06 2.61
CA ILE A 137 -23.96 6.02 2.53
C ILE A 137 -23.42 7.45 2.34
N TYR A 138 -22.55 7.90 3.23
CA TYR A 138 -22.06 9.31 3.27
C TYR A 138 -20.72 9.52 2.60
N PHE A 139 -20.56 10.65 1.91
CA PHE A 139 -19.32 11.04 1.20
C PHE A 139 -19.05 12.52 1.43
N ALA A 140 -17.79 12.92 1.31
CA ALA A 140 -17.41 14.33 1.56
C ALA A 140 -16.46 14.90 0.49
N GLU A 141 -16.61 16.20 0.24
CA GLU A 141 -15.64 16.96 -0.57
C GLU A 141 -14.35 17.22 0.21
N ASN A 142 -14.44 17.39 1.53
CA ASN A 142 -13.25 17.56 2.35
C ASN A 142 -12.71 16.20 2.74
N SER A 143 -11.49 15.90 2.30
CA SER A 143 -10.84 14.66 2.72
C SER A 143 -10.78 14.56 4.26
N SER A 144 -10.54 15.68 4.92
CA SER A 144 -10.41 15.66 6.41
C SER A 144 -11.73 15.29 7.13
N LYS A 145 -12.85 15.51 6.45
CA LYS A 145 -14.16 15.07 6.97
C LYS A 145 -14.24 13.53 6.92
N SER A 146 -13.88 12.93 5.78
CA SER A 146 -13.94 11.45 5.71
CA SER A 146 -13.92 11.46 5.69
C SER A 146 -12.91 10.83 6.65
N ASN A 147 -11.83 11.53 6.92
CA ASN A 147 -10.82 11.05 7.86
C ASN A 147 -11.34 10.88 9.31
N GLN A 148 -12.34 11.68 9.70
CA GLN A 148 -12.98 11.52 11.00
C GLN A 148 -13.72 10.19 11.17
N TYR A 149 -13.94 9.46 10.08
CA TYR A 149 -14.71 8.18 10.10
C TYR A 149 -13.89 6.89 9.89
N VAL A 150 -12.60 7.07 9.61
CA VAL A 150 -11.70 5.96 9.30
C VAL A 150 -11.65 4.92 10.43
N TYR A 151 -11.57 5.40 11.68
CA TYR A 151 -11.58 4.53 12.86
C TYR A 151 -12.96 4.30 13.50
N GLY A 152 -14.02 4.69 12.78
CA GLY A 152 -15.40 4.51 13.21
C GLY A 152 -16.12 5.84 13.38
N ILE A 153 -17.39 5.80 13.78
CA ILE A 153 -18.17 7.04 14.00
C ILE A 153 -17.50 7.91 15.06
N GLY A 154 -17.32 9.19 14.77
CA GLY A 154 -16.64 10.09 15.71
C GLY A 154 -15.20 9.70 16.00
N GLY A 155 -14.56 9.00 15.07
CA GLY A 155 -13.20 8.51 15.30
C GLY A 155 -13.12 7.23 16.14
N GLY A 156 -14.28 6.72 16.59
CA GLY A 156 -14.35 5.51 17.43
C GLY A 156 -13.41 5.67 18.62
N THR A 157 -12.62 4.64 18.90
CA THR A 157 -11.55 4.68 19.94
C THR A 157 -10.16 4.96 19.37
N GLY A 158 -10.07 5.37 18.10
CA GLY A 158 -8.79 5.74 17.54
C GLY A 158 -8.11 4.53 16.93
N CYS A 159 -6.81 4.67 16.60
CA CYS A 159 -6.09 3.58 15.96
C CYS A 159 -6.17 2.23 16.76
N PRO A 160 -6.12 1.08 16.06
CA PRO A 160 -6.17 -0.17 16.82
C PRO A 160 -4.97 -0.38 17.79
N VAL A 161 -3.79 0.10 17.41
CA VAL A 161 -2.58 -0.15 18.15
C VAL A 161 -2.43 0.71 19.39
N HIS A 162 -2.69 2.02 19.27
CA HIS A 162 -2.44 2.98 20.35
C HIS A 162 -3.68 3.59 20.97
N LYS A 163 -4.87 3.25 20.46
CA LYS A 163 -6.13 3.87 20.85
C LYS A 163 -6.07 5.39 20.75
N ASP A 164 -5.51 5.88 19.65
CA ASP A 164 -5.23 7.29 19.52
C ASP A 164 -5.91 7.82 18.25
N ARG A 165 -6.91 8.67 18.44
CA ARG A 165 -7.64 9.26 17.30
C ARG A 165 -6.76 10.23 16.52
N SER A 166 -5.72 10.72 17.20
CA SER A 166 -4.72 11.56 16.55
C SER A 166 -3.39 10.82 16.26
N CYS A 167 -3.43 9.50 16.10
CA CYS A 167 -2.17 8.73 15.85
C CYS A 167 -1.44 9.24 14.62
N TYR A 168 -0.15 9.57 14.76
CA TYR A 168 0.74 9.99 13.65
C TYR A 168 1.60 8.84 13.10
N ILE A 169 1.47 7.68 13.73
CA ILE A 169 2.23 6.48 13.39
C ILE A 169 1.44 5.52 12.49
N CYS A 170 0.24 5.16 12.92
CA CYS A 170 -0.51 4.13 12.22
C CYS A 170 -0.94 4.57 10.82
N HIS A 171 -0.95 3.61 9.90
CA HIS A 171 -1.40 3.82 8.50
C HIS A 171 -2.88 3.82 8.45
N ARG A 172 -3.47 4.87 7.85
CA ARG A 172 -4.91 4.98 7.60
C ARG A 172 -5.21 4.75 6.13
N GLN A 173 -6.45 4.39 5.83
CA GLN A 173 -6.86 4.24 4.45
C GLN A 173 -8.19 4.92 4.25
N LEU A 174 -8.34 5.63 3.13
CA LEU A 174 -9.68 6.02 2.73
C LEU A 174 -9.91 5.79 1.25
N LEU A 175 -11.17 5.95 0.81
CA LEU A 175 -11.51 5.74 -0.58
C LEU A 175 -11.80 7.07 -1.22
N PHE A 176 -11.31 7.23 -2.44
CA PHE A 176 -11.71 8.36 -3.32
C PHE A 176 -12.60 7.72 -4.41
N CYS A 177 -13.90 8.03 -4.35
CA CYS A 177 -14.92 7.26 -5.06
C CYS A 177 -15.65 8.04 -6.15
N ARG A 178 -16.13 7.32 -7.15
CA ARG A 178 -16.94 7.90 -8.24
C ARG A 178 -18.37 7.72 -7.79
N VAL A 179 -19.13 8.82 -7.69
CA VAL A 179 -20.47 8.80 -7.05
C VAL A 179 -21.49 9.46 -7.99
N THR A 180 -22.57 8.75 -8.29
CA THR A 180 -23.65 9.31 -9.07
C THR A 180 -24.67 9.98 -8.12
N LEU A 181 -24.82 11.29 -8.24
CA LEU A 181 -25.80 12.03 -7.43
C LEU A 181 -27.17 12.22 -8.06
N GLY A 182 -27.24 12.16 -9.39
CA GLY A 182 -28.49 12.46 -10.11
C GLY A 182 -29.14 13.77 -9.64
N LYS A 183 -30.48 13.76 -9.50
CA LYS A 183 -31.17 14.89 -8.87
C LYS A 183 -30.99 14.88 -7.36
N SER A 184 -30.23 15.83 -6.85
CA SER A 184 -29.88 15.79 -5.46
C SER A 184 -30.77 16.77 -4.68
N PHE A 185 -31.39 16.28 -3.61
CA PHE A 185 -32.13 17.13 -2.69
C PHE A 185 -31.19 18.03 -1.93
N LEU A 186 -31.43 19.33 -2.00
CA LEU A 186 -30.61 20.29 -1.30
C LEU A 186 -31.07 20.57 0.13
N GLN A 187 -30.23 20.17 1.09
CA GLN A 187 -30.48 20.33 2.51
C GLN A 187 -29.44 21.24 3.11
N PHE A 188 -29.87 22.45 3.48
CA PHE A 188 -28.98 23.36 4.13
C PHE A 188 -28.91 22.86 5.55
N SER A 189 -27.73 22.91 6.15
CA SER A 189 -27.57 22.35 7.46
C SER A 189 -26.77 23.31 8.26
N ALA A 190 -27.09 23.35 9.54
CA ALA A 190 -26.50 24.28 10.48
C ALA A 190 -25.03 23.93 10.82
N MET A 191 -24.42 23.11 9.95
CA MET A 191 -22.98 22.75 10.04
C MET A 191 -22.02 23.80 9.43
N MET B 2 -31.27 0.86 5.70
CA MET B 2 -31.09 1.93 4.68
C MET B 2 -32.41 2.58 4.24
N ALA B 3 -32.48 3.90 4.37
CA ALA B 3 -33.67 4.69 4.01
C ALA B 3 -33.84 4.82 2.50
N HIS B 4 -34.87 5.54 2.08
CA HIS B 4 -35.06 5.87 0.66
C HIS B 4 -34.61 7.28 0.40
N SER B 5 -34.30 7.56 -0.86
CA SER B 5 -34.10 8.92 -1.31
C SER B 5 -35.41 9.70 -1.13
N PRO B 6 -35.33 11.04 -0.88
CA PRO B 6 -36.58 11.81 -0.98
C PRO B 6 -37.30 11.50 -2.31
N PRO B 7 -38.64 11.36 -2.30
CA PRO B 7 -39.32 11.08 -3.58
C PRO B 7 -38.84 11.99 -4.72
N GLY B 8 -38.55 11.38 -5.87
CA GLY B 8 -38.06 12.08 -7.06
C GLY B 8 -36.67 12.68 -6.95
N HIS B 9 -35.86 12.19 -6.02
CA HIS B 9 -34.44 12.58 -5.90
C HIS B 9 -33.58 11.34 -5.87
N HIS B 10 -32.30 11.48 -6.15
CA HIS B 10 -31.41 10.31 -6.20
C HIS B 10 -30.37 10.31 -5.12
N SER B 11 -30.31 11.41 -4.37
CA SER B 11 -29.29 11.61 -3.33
C SER B 11 -29.65 12.85 -2.55
N VAL B 12 -28.91 13.10 -1.47
CA VAL B 12 -29.09 14.33 -0.70
C VAL B 12 -27.74 15.05 -0.65
N THR B 13 -27.80 16.38 -0.79
CA THR B 13 -26.66 17.26 -0.63
C THR B 13 -26.83 17.95 0.69
N GLY B 14 -25.90 17.66 1.60
CA GLY B 14 -25.79 18.39 2.86
C GLY B 14 -24.88 19.58 2.69
N ARG B 15 -25.48 20.77 2.59
CA ARG B 15 -24.71 21.98 2.35
C ARG B 15 -24.56 22.83 3.63
N PRO B 16 -23.34 22.86 4.21
CA PRO B 16 -23.10 23.65 5.43
C PRO B 16 -23.52 25.11 5.26
N SER B 17 -24.41 25.58 6.14
CA SER B 17 -24.93 26.96 6.06
C SER B 17 -24.23 27.92 7.01
N VAL B 18 -23.62 27.37 8.07
CA VAL B 18 -22.95 28.18 9.12
C VAL B 18 -21.48 28.40 8.82
N ASN B 19 -20.71 27.30 8.80
CA ASN B 19 -19.29 27.36 8.49
C ASN B 19 -19.07 27.55 7.00
N GLY B 20 -18.67 28.77 6.61
CA GLY B 20 -18.52 29.15 5.21
C GLY B 20 -17.34 28.47 4.49
N LEU B 21 -16.45 27.86 5.28
CA LEU B 21 -15.26 27.12 4.81
C LEU B 21 -15.42 25.58 4.67
N ALA B 22 -16.48 25.04 5.23
CA ALA B 22 -16.77 23.62 5.10
C ALA B 22 -17.34 23.37 3.71
N LEU B 23 -16.93 22.26 3.09
CA LEU B 23 -17.47 21.89 1.80
C LEU B 23 -18.65 20.93 2.00
N ALA B 24 -19.34 20.58 0.92
CA ALA B 24 -20.58 19.79 0.98
C ALA B 24 -20.28 18.33 1.36
N GLU B 25 -21.28 17.68 1.97
CA GLU B 25 -21.30 16.23 2.21
C GLU B 25 -22.51 15.68 1.45
N TYR B 26 -22.50 14.42 1.05
CA TYR B 26 -23.54 13.85 0.17
C TYR B 26 -23.95 12.46 0.66
N VAL B 27 -25.21 12.09 0.43
CA VAL B 27 -25.72 10.79 0.87
C VAL B 27 -26.41 10.08 -0.28
N ILE B 28 -26.08 8.82 -0.52
CA ILE B 28 -26.79 8.04 -1.53
C ILE B 28 -27.51 6.93 -0.77
N TYR B 29 -28.51 6.34 -1.38
CA TYR B 29 -29.33 5.35 -0.70
C TYR B 29 -29.31 4.01 -1.43
N ARG B 30 -28.43 3.89 -2.41
CA ARG B 30 -28.20 2.62 -3.12
C ARG B 30 -26.72 2.45 -3.29
N GLY B 31 -26.17 1.30 -2.86
CA GLY B 31 -24.74 1.04 -3.01
C GLY B 31 -24.20 1.09 -4.45
N GLU B 32 -25.07 0.79 -5.42
CA GLU B 32 -24.69 0.76 -6.85
C GLU B 32 -24.41 2.16 -7.40
N GLN B 33 -24.74 3.19 -6.63
CA GLN B 33 -24.46 4.57 -7.04
C GLN B 33 -23.10 5.09 -6.65
N ALA B 34 -22.22 4.20 -6.18
CA ALA B 34 -20.83 4.61 -5.98
C ALA B 34 -19.89 3.46 -6.42
N TYR B 35 -18.69 3.83 -6.88
CA TYR B 35 -17.64 2.88 -7.22
C TYR B 35 -16.37 3.32 -6.46
N PRO B 36 -15.76 2.42 -5.64
CA PRO B 36 -14.59 2.79 -4.82
C PRO B 36 -13.31 2.77 -5.69
N GLU B 37 -13.06 3.84 -6.42
CA GLU B 37 -12.04 3.85 -7.44
C GLU B 37 -10.59 3.87 -6.99
N TYR B 38 -10.26 4.66 -5.98
CA TYR B 38 -8.88 4.76 -5.48
C TYR B 38 -8.82 4.46 -4.01
N LEU B 39 -7.90 3.58 -3.64
CA LEU B 39 -7.63 3.30 -2.22
C LEU B 39 -6.36 4.06 -1.84
N ILE B 40 -6.48 4.92 -0.83
CA ILE B 40 -5.36 5.81 -0.47
C ILE B 40 -4.87 5.47 0.92
N THR B 41 -3.59 5.07 1.01
CA THR B 41 -2.92 4.75 2.27
C THR B 41 -2.05 5.94 2.66
N TYR B 42 -2.19 6.41 3.91
CA TYR B 42 -1.63 7.69 4.33
C TYR B 42 -1.44 7.78 5.86
N GLN B 43 -0.64 8.75 6.30
CA GLN B 43 -0.58 9.11 7.73
C GLN B 43 -1.01 10.56 7.80
N ILE B 44 -1.65 10.97 8.91
CA ILE B 44 -1.83 12.40 9.14
C ILE B 44 -0.48 12.90 9.67
N MET B 45 -0.18 14.18 9.43
CA MET B 45 1.11 14.72 9.91
C MET B 45 0.96 15.75 11.04
N ARG B 46 1.81 15.60 12.06
CA ARG B 46 1.86 16.53 13.21
C ARG B 46 2.32 17.90 12.70
N PRO B 47 1.51 18.96 12.94
CA PRO B 47 1.93 20.30 12.53
C PRO B 47 3.25 20.71 13.18
N GLU B 48 4.01 21.55 12.48
CA GLU B 48 5.30 22.04 12.97
C GLU B 48 5.21 23.44 13.53
N GLY C 30 36.57 -7.08 -5.97
CA GLY C 30 36.99 -8.30 -5.22
C GLY C 30 35.97 -9.45 -5.18
N THR C 31 34.87 -9.39 -5.95
CA THR C 31 33.83 -10.41 -5.78
C THR C 31 34.07 -11.66 -6.61
N ILE C 32 33.96 -12.84 -6.00
CA ILE C 32 33.84 -14.07 -6.80
C ILE C 32 32.50 -14.81 -6.55
N LEU C 33 31.95 -15.40 -7.60
CA LEU C 33 30.73 -16.19 -7.54
C LEU C 33 31.04 -17.66 -7.62
N ILE C 34 30.61 -18.42 -6.62
CA ILE C 34 30.79 -19.87 -6.62
C ILE C 34 29.47 -20.56 -6.89
N ASP C 35 29.45 -21.34 -7.96
CA ASP C 35 28.25 -22.09 -8.36
C ASP C 35 27.96 -23.20 -7.38
N LEU C 36 26.72 -23.33 -6.91
CA LEU C 36 26.40 -24.44 -6.03
C LEU C 36 25.75 -25.57 -6.81
N SER C 37 26.09 -26.81 -6.47
CA SER C 37 25.50 -27.97 -7.12
C SER C 37 24.09 -28.23 -6.59
N PRO C 38 23.13 -28.58 -7.48
CA PRO C 38 21.76 -28.89 -7.00
C PRO C 38 21.70 -30.10 -6.06
N ASP C 39 22.78 -30.89 -6.04
CA ASP C 39 22.91 -32.01 -5.10
C ASP C 39 23.34 -31.53 -3.73
N ASP C 40 23.86 -30.32 -3.66
CA ASP C 40 24.36 -29.79 -2.40
C ASP C 40 23.19 -29.36 -1.47
N LYS C 41 23.30 -29.73 -0.19
CA LYS C 41 22.27 -29.40 0.79
C LYS C 41 22.04 -27.89 0.90
N GLU C 42 23.10 -27.12 0.73
CA GLU C 42 23.03 -25.67 0.76
C GLU C 42 22.17 -25.12 -0.40
N PHE C 43 22.32 -25.66 -1.62
CA PHE C 43 21.49 -25.28 -2.76
C PHE C 43 20.05 -25.59 -2.40
N GLN C 44 19.86 -26.78 -1.83
CA GLN C 44 18.51 -27.28 -1.61
C GLN C 44 17.73 -26.47 -0.57
N SER C 45 18.40 -26.02 0.48
CA SER C 45 17.68 -25.26 1.50
C SER C 45 17.37 -23.85 0.98
N VAL C 46 18.25 -23.29 0.14
CA VAL C 46 17.97 -21.99 -0.46
C VAL C 46 16.81 -22.05 -1.43
N GLU C 47 16.80 -23.08 -2.28
CA GLU C 47 15.68 -23.28 -3.20
C GLU C 47 14.39 -23.43 -2.40
N GLU C 48 14.43 -24.21 -1.32
CA GLU C 48 13.25 -24.41 -0.50
C GLU C 48 12.66 -23.09 0.07
N GLU C 49 13.54 -22.20 0.57
CA GLU C 49 13.11 -20.88 1.04
C GLU C 49 12.46 -20.07 -0.07
N MET C 50 13.06 -20.09 -1.28
CA MET C 50 12.47 -19.43 -2.48
C MET C 50 11.07 -19.93 -2.81
N GLN C 51 10.97 -21.24 -2.99
CA GLN C 51 9.72 -21.85 -3.43
C GLN C 51 8.61 -21.75 -2.38
N SER C 52 8.94 -21.97 -1.11
CA SER C 52 7.91 -22.07 -0.07
C SER C 52 7.34 -20.71 0.36
N THR C 53 7.99 -19.62 -0.06
CA THR C 53 7.52 -18.27 0.32
C THR C 53 6.90 -17.49 -0.82
N VAL C 54 6.47 -18.21 -1.85
CA VAL C 54 5.63 -17.61 -2.89
C VAL C 54 4.24 -17.43 -2.29
N ARG C 55 3.59 -16.29 -2.56
CA ARG C 55 2.19 -16.12 -2.19
C ARG C 55 1.43 -15.44 -3.35
N GLU C 56 0.11 -15.33 -3.25
CA GLU C 56 -0.62 -14.51 -4.21
C GLU C 56 -0.48 -13.05 -3.85
N HIS C 57 -0.52 -12.20 -4.88
CA HIS C 57 -0.44 -10.75 -4.66
C HIS C 57 -1.72 -10.02 -5.02
N ARG C 58 -1.99 -8.94 -4.31
CA ARG C 58 -3.24 -8.20 -4.44
C ARG C 58 -3.40 -7.54 -5.80
N ASP C 59 -2.30 -7.39 -6.55
CA ASP C 59 -2.35 -6.83 -7.87
C ASP C 59 -2.64 -7.85 -8.96
N GLY C 60 -3.05 -9.06 -8.57
CA GLY C 60 -3.36 -10.13 -9.54
C GLY C 60 -2.17 -10.55 -10.42
N GLY C 61 -0.94 -10.18 -10.04
CA GLY C 61 0.22 -10.52 -10.86
C GLY C 61 0.74 -9.38 -11.72
N HIS C 62 0.14 -8.19 -11.58
CA HIS C 62 0.50 -7.07 -12.42
C HIS C 62 1.97 -6.75 -12.41
N ALA C 63 2.55 -6.64 -11.21
CA ALA C 63 3.95 -6.22 -11.05
C ALA C 63 4.95 -7.30 -11.39
N GLY C 64 4.74 -8.49 -10.81
CA GLY C 64 5.74 -9.59 -10.83
C GLY C 64 5.41 -10.75 -11.73
N GLY C 65 4.19 -10.76 -12.28
CA GLY C 65 3.71 -11.86 -13.11
C GLY C 65 2.80 -12.84 -12.41
N ILE C 66 2.20 -13.75 -13.19
CA ILE C 66 1.35 -14.83 -12.65
C ILE C 66 2.07 -16.18 -12.54
N PHE C 67 2.22 -16.69 -11.32
CA PHE C 67 2.94 -17.95 -11.08
C PHE C 67 2.70 -18.43 -9.66
N ASN C 68 2.88 -19.73 -9.43
CA ASN C 68 2.83 -20.32 -8.09
C ASN C 68 4.17 -20.84 -7.67
N ARG C 69 5.09 -20.99 -8.63
CA ARG C 69 6.42 -21.50 -8.33
C ARG C 69 7.45 -21.08 -9.37
N TYR C 70 8.74 -21.34 -9.09
CA TYR C 70 9.84 -20.99 -9.98
C TYR C 70 10.52 -22.22 -10.63
N ASN C 71 11.20 -21.98 -11.77
CA ASN C 71 12.25 -22.89 -12.26
C ASN C 71 13.58 -22.26 -11.85
N ILE C 72 14.23 -22.83 -10.83
CA ILE C 72 15.55 -22.34 -10.41
C ILE C 72 16.61 -22.85 -11.39
N LEU C 73 17.41 -21.94 -11.92
CA LEU C 73 18.39 -22.28 -12.94
C LEU C 73 19.79 -22.32 -12.36
N LYS C 74 20.06 -21.46 -11.40
CA LYS C 74 21.41 -21.41 -10.85
C LYS C 74 21.36 -20.77 -9.47
N ILE C 75 22.13 -21.30 -8.52
CA ILE C 75 22.37 -20.60 -7.26
C ILE C 75 23.88 -20.38 -7.07
N GLN C 76 24.28 -19.12 -6.94
CA GLN C 76 25.66 -18.78 -6.70
C GLN C 76 25.92 -18.14 -5.35
N LYS C 77 26.97 -18.60 -4.71
CA LYS C 77 27.45 -18.03 -3.47
C LYS C 77 28.29 -16.78 -3.80
N VAL C 78 27.96 -15.65 -3.19
CA VAL C 78 28.67 -14.36 -3.42
C VAL C 78 29.80 -14.16 -2.37
N CYS C 79 31.05 -14.09 -2.83
CA CYS C 79 32.20 -14.09 -1.90
C CYS C 79 33.01 -12.84 -2.11
N ASN C 80 33.07 -11.98 -1.09
CA ASN C 80 33.82 -10.74 -1.21
C ASN C 80 34.33 -10.37 0.17
N LYS C 81 35.64 -10.49 0.35
CA LYS C 81 36.24 -10.31 1.67
C LYS C 81 35.92 -8.92 2.26
N LYS C 82 36.14 -7.86 1.50
CA LYS C 82 35.93 -6.49 2.02
C LYS C 82 34.47 -6.21 2.45
N LEU C 83 33.53 -6.60 1.60
CA LEU C 83 32.12 -6.43 1.87
C LEU C 83 31.67 -7.24 3.08
N TRP C 84 32.21 -8.46 3.24
CA TRP C 84 31.86 -9.32 4.39
C TRP C 84 32.32 -8.69 5.69
N GLU C 85 33.58 -8.26 5.74
CA GLU C 85 34.13 -7.62 6.94
C GLU C 85 33.43 -6.32 7.27
N ARG C 86 33.03 -5.58 6.24
CA ARG C 86 32.22 -4.40 6.42
C ARG C 86 30.89 -4.78 7.12
N TYR C 87 30.27 -5.89 6.68
CA TYR C 87 29.00 -6.31 7.25
C TYR C 87 29.15 -6.74 8.72
N THR C 88 30.13 -7.60 8.99
CA THR C 88 30.32 -8.12 10.35
C THR C 88 30.79 -7.05 11.32
N HIS C 89 31.48 -6.03 10.82
CA HIS C 89 31.85 -4.89 11.67
C HIS C 89 30.63 -4.16 12.14
N ARG C 90 29.71 -3.86 11.22
CA ARG C 90 28.46 -3.23 11.60
C ARG C 90 27.60 -4.13 12.49
N ARG C 91 27.58 -5.43 12.19
CA ARG C 91 26.75 -6.39 12.94
C ARG C 91 27.11 -6.39 14.44
N LYS C 92 28.41 -6.38 14.74
CA LYS C 92 28.90 -6.36 16.12
C LYS C 92 28.48 -5.09 16.82
N GLU C 93 28.57 -3.94 16.13
CA GLU C 93 28.13 -2.66 16.69
C GLU C 93 26.66 -2.70 17.04
N VAL C 94 25.85 -3.21 16.12
CA VAL C 94 24.41 -3.26 16.34
C VAL C 94 24.15 -4.21 17.50
N SER C 95 24.78 -5.38 17.46
CA SER C 95 24.64 -6.38 18.51
C SER C 95 24.84 -5.74 19.91
N GLU C 96 25.92 -4.98 20.04
CA GLU C 96 26.25 -4.32 21.33
C GLU C 96 25.21 -3.30 21.77
N GLU C 97 24.51 -2.67 20.83
CA GLU C 97 23.41 -1.78 21.18
C GLU C 97 22.06 -2.46 21.44
N ASN C 98 21.98 -3.79 21.38
CA ASN C 98 20.70 -4.46 21.48
C ASN C 98 20.79 -5.75 22.31
N HIS C 99 21.17 -5.61 23.58
CA HIS C 99 21.35 -6.76 24.48
C HIS C 99 22.04 -7.95 23.83
N ASN C 100 23.14 -7.67 23.11
CA ASN C 100 23.92 -8.69 22.39
C ASN C 100 23.11 -9.55 21.42
N HIS C 101 22.25 -8.92 20.64
CA HIS C 101 21.41 -9.62 19.73
C HIS C 101 21.35 -8.85 18.43
N ALA C 102 22.11 -9.33 17.44
CA ALA C 102 22.13 -8.72 16.11
C ALA C 102 20.76 -8.77 15.43
N ASN C 103 19.95 -9.75 15.82
CA ASN C 103 18.66 -9.99 15.18
C ASN C 103 18.88 -10.19 13.66
N GLU C 104 19.71 -11.19 13.34
CA GLU C 104 20.10 -11.44 11.97
C GLU C 104 19.11 -12.36 11.25
N ARG C 105 18.71 -11.94 10.03
CA ARG C 105 17.75 -12.72 9.23
C ARG C 105 18.28 -12.99 7.81
N MET C 106 17.69 -13.96 7.12
CA MET C 106 17.96 -14.16 5.69
C MET C 106 16.68 -13.74 4.97
N LEU C 107 16.79 -12.77 4.06
CA LEU C 107 15.64 -12.15 3.41
C LEU C 107 15.93 -11.91 1.92
N PHE C 108 14.87 -11.83 1.10
CA PHE C 108 15.02 -11.57 -0.36
C PHE C 108 15.05 -10.09 -0.74
N HIS C 109 15.77 -9.81 -1.83
CA HIS C 109 15.88 -8.49 -2.41
C HIS C 109 15.96 -8.63 -3.90
N GLY C 110 15.02 -7.98 -4.60
CA GLY C 110 14.98 -8.00 -6.06
C GLY C 110 15.26 -6.59 -6.56
N SER C 111 16.09 -6.45 -7.57
CA SER C 111 16.47 -5.13 -8.03
C SER C 111 17.12 -5.15 -9.41
N PRO C 112 16.87 -4.12 -10.22
CA PRO C 112 17.61 -4.03 -11.49
C PRO C 112 19.10 -3.76 -11.26
N PHE C 113 19.51 -3.47 -10.04
CA PHE C 113 20.90 -3.14 -9.77
C PHE C 113 21.68 -4.27 -9.12
N VAL C 114 21.20 -5.52 -9.27
CA VAL C 114 21.79 -6.67 -8.56
C VAL C 114 23.27 -6.84 -8.93
N ASN C 115 23.61 -6.55 -10.17
CA ASN C 115 25.02 -6.55 -10.54
C ASN C 115 25.93 -5.56 -9.82
N ALA C 116 25.53 -4.31 -9.71
CA ALA C 116 26.31 -3.40 -8.87
C ALA C 116 26.34 -3.85 -7.41
N ILE C 117 25.21 -4.34 -6.89
CA ILE C 117 25.14 -4.76 -5.48
C ILE C 117 26.18 -5.85 -5.15
N ILE C 118 26.28 -6.87 -5.99
CA ILE C 118 27.20 -7.98 -5.65
C ILE C 118 28.68 -7.61 -5.73
N HIS C 119 29.00 -6.57 -6.51
CA HIS C 119 30.40 -6.09 -6.61
C HIS C 119 30.74 -4.99 -5.66
N LYS C 120 29.82 -4.06 -5.43
CA LYS C 120 30.14 -2.87 -4.68
C LYS C 120 29.38 -2.80 -3.34
N GLY C 121 28.41 -3.68 -3.12
CA GLY C 121 27.68 -3.70 -1.85
C GLY C 121 26.43 -2.84 -1.88
N PHE C 122 25.61 -2.93 -0.85
CA PHE C 122 24.39 -2.11 -0.78
C PHE C 122 24.78 -0.67 -0.42
N ASP C 123 24.09 0.32 -0.97
CA ASP C 123 24.25 1.75 -0.57
C ASP C 123 23.02 2.60 -0.91
N GLU C 124 23.13 3.92 -0.71
CA GLU C 124 22.02 4.87 -0.96
C GLU C 124 21.39 4.85 -2.36
N ARG C 125 22.15 4.48 -3.39
CA ARG C 125 21.57 4.40 -4.74
C ARG C 125 20.75 3.12 -4.96
N HIS C 126 20.76 2.22 -3.97
CA HIS C 126 19.87 1.03 -3.93
C HIS C 126 18.66 1.20 -3.04
N ALA C 127 18.46 2.44 -2.57
CA ALA C 127 17.37 2.78 -1.64
C ALA C 127 16.08 3.14 -2.37
N TYR C 128 14.97 2.75 -1.75
CA TYR C 128 13.64 3.00 -2.29
C TYR C 128 13.18 4.30 -1.68
N ILE C 129 13.50 5.42 -2.35
CA ILE C 129 13.23 6.74 -1.77
C ILE C 129 11.74 6.94 -1.53
N GLY C 130 10.89 6.42 -2.41
CA GLY C 130 9.45 6.49 -2.20
C GLY C 130 8.85 5.31 -1.45
N GLY C 131 9.65 4.58 -0.69
CA GLY C 131 9.11 3.44 0.04
C GLY C 131 8.21 3.88 1.19
N MET C 132 7.20 3.08 1.49
CA MET C 132 6.28 3.46 2.53
C MET C 132 6.81 3.47 3.97
N PHE C 133 8.00 2.92 4.22
CA PHE C 133 8.64 3.10 5.52
C PHE C 133 9.84 4.05 5.41
N GLY C 134 9.82 4.91 4.41
CA GLY C 134 10.90 5.89 4.24
C GLY C 134 12.04 5.47 3.35
N ALA C 135 12.94 6.41 3.09
CA ALA C 135 14.07 6.20 2.18
C ALA C 135 15.06 5.20 2.78
N GLY C 136 14.91 3.93 2.42
CA GLY C 136 15.86 2.89 2.87
C GLY C 136 15.90 1.74 1.89
N ILE C 137 16.66 0.72 2.26
CA ILE C 137 16.80 -0.53 1.48
C ILE C 137 15.83 -1.60 2.01
N TYR C 138 14.97 -2.11 1.12
CA TYR C 138 13.84 -2.97 1.46
C TYR C 138 14.13 -4.46 1.20
N PHE C 139 13.64 -5.34 2.08
CA PHE C 139 13.81 -6.80 1.97
C PHE C 139 12.49 -7.47 2.32
N ALA C 140 12.27 -8.70 1.86
CA ALA C 140 11.00 -9.40 2.09
C ALA C 140 11.21 -10.85 2.55
N GLU C 141 10.37 -11.30 3.46
CA GLU C 141 10.23 -12.73 3.73
C GLU C 141 9.60 -13.51 2.56
N ASN C 142 8.67 -12.89 1.81
CA ASN C 142 8.07 -13.54 0.65
C ASN C 142 8.96 -13.35 -0.57
N SER C 143 9.54 -14.44 -1.10
CA SER C 143 10.33 -14.29 -2.35
C SER C 143 9.51 -13.59 -3.46
N SER C 144 8.22 -13.90 -3.53
CA SER C 144 7.36 -13.31 -4.57
C SER C 144 7.14 -11.79 -4.45
N LYS C 145 7.31 -11.26 -3.23
CA LYS C 145 7.30 -9.81 -3.01
C LYS C 145 8.58 -9.21 -3.67
N SER C 146 9.76 -9.76 -3.39
CA SER C 146 11.00 -9.25 -4.01
CA SER C 146 11.00 -9.26 -4.02
C SER C 146 10.97 -9.39 -5.54
N ASN C 147 10.34 -10.45 -6.03
CA ASN C 147 10.21 -10.63 -7.46
C ASN C 147 9.49 -9.47 -8.17
N GLN C 148 8.55 -8.81 -7.47
CA GLN C 148 7.87 -7.62 -8.04
C GLN C 148 8.79 -6.44 -8.34
N TYR C 149 10.02 -6.48 -7.81
CA TYR C 149 10.97 -5.37 -7.98
C TYR C 149 12.14 -5.67 -8.89
N VAL C 150 12.23 -6.90 -9.39
CA VAL C 150 13.38 -7.35 -10.22
C VAL C 150 13.52 -6.46 -11.49
N TYR C 151 12.41 -6.15 -12.14
CA TYR C 151 12.45 -5.26 -13.30
C TYR C 151 12.20 -3.76 -12.98
N GLY C 152 12.25 -3.40 -11.70
CA GLY C 152 12.02 -2.01 -11.24
C GLY C 152 10.80 -1.88 -10.35
N ILE C 153 10.56 -0.68 -9.82
CA ILE C 153 9.39 -0.39 -8.97
C ILE C 153 8.11 -0.76 -9.73
N GLY C 154 7.22 -1.51 -9.08
CA GLY C 154 6.00 -2.03 -9.70
C GLY C 154 6.26 -2.91 -10.91
N GLY C 155 7.45 -3.50 -10.98
CA GLY C 155 7.83 -4.33 -12.12
C GLY C 155 8.26 -3.54 -13.35
N GLY C 156 8.37 -2.21 -13.24
CA GLY C 156 8.75 -1.31 -14.36
C GLY C 156 7.94 -1.62 -15.61
N THR C 157 8.63 -1.79 -16.75
CA THR C 157 8.00 -2.17 -18.02
C THR C 157 8.27 -3.67 -18.31
N GLY C 158 8.59 -4.44 -17.28
CA GLY C 158 8.82 -5.87 -17.44
C GLY C 158 10.18 -6.22 -18.03
N CYS C 159 10.33 -7.44 -18.53
CA CYS C 159 11.63 -7.87 -19.09
C CYS C 159 12.17 -6.94 -20.19
N PRO C 160 13.50 -6.88 -20.35
CA PRO C 160 14.06 -6.09 -21.44
C PRO C 160 13.67 -6.57 -22.86
N VAL C 161 13.60 -7.88 -23.07
CA VAL C 161 13.41 -8.41 -24.43
C VAL C 161 11.96 -8.26 -24.90
N HIS C 162 11.00 -8.55 -24.04
CA HIS C 162 9.60 -8.62 -24.45
C HIS C 162 8.68 -7.57 -23.83
N LYS C 163 9.23 -6.69 -22.99
CA LYS C 163 8.41 -5.72 -22.21
C LYS C 163 7.24 -6.40 -21.50
N ASP C 164 7.50 -7.57 -20.92
CA ASP C 164 6.46 -8.38 -20.33
C ASP C 164 6.78 -8.60 -18.82
N ARG C 165 5.97 -7.99 -17.94
CA ARG C 165 6.16 -8.16 -16.48
C ARG C 165 5.88 -9.61 -16.03
N SER C 166 5.16 -10.38 -16.84
CA SER C 166 4.90 -11.79 -16.54
C SER C 166 5.68 -12.71 -17.49
N CYS C 167 6.81 -12.26 -18.02
CA CYS C 167 7.58 -13.10 -18.95
C CYS C 167 7.99 -14.43 -18.31
N TYR C 168 7.68 -15.53 -19.03
CA TYR C 168 8.04 -16.89 -18.65
C TYR C 168 9.36 -17.39 -19.29
N ILE C 169 9.93 -16.57 -20.17
CA ILE C 169 11.10 -16.93 -20.98
C ILE C 169 12.38 -16.35 -20.39
N CYS C 170 12.38 -15.05 -20.14
CA CYS C 170 13.60 -14.37 -19.69
C CYS C 170 14.04 -14.79 -18.27
N HIS C 171 15.35 -14.73 -18.07
CA HIS C 171 16.00 -15.12 -16.82
C HIS C 171 15.96 -13.97 -15.83
N ARG C 172 15.44 -14.20 -14.63
CA ARG C 172 15.40 -13.19 -13.55
C ARG C 172 16.46 -13.50 -12.50
N GLN C 173 16.91 -12.47 -11.79
CA GLN C 173 17.86 -12.69 -10.69
C GLN C 173 17.37 -12.01 -9.41
N LEU C 174 17.47 -12.71 -8.29
CA LEU C 174 17.16 -12.22 -6.93
CA LEU C 174 17.33 -12.01 -7.03
C LEU C 174 18.38 -12.43 -6.02
N LEU C 175 18.48 -11.64 -4.94
CA LEU C 175 19.47 -11.86 -3.87
C LEU C 175 18.78 -12.43 -2.66
N PHE C 176 19.43 -13.41 -2.03
CA PHE C 176 19.02 -13.92 -0.71
C PHE C 176 20.12 -13.47 0.24
N CYS C 177 19.77 -12.52 1.09
CA CYS C 177 20.76 -11.72 1.81
C CYS C 177 20.74 -11.95 3.32
N ARG C 178 21.91 -11.76 3.91
CA ARG C 178 22.05 -11.78 5.34
C ARG C 178 21.83 -10.35 5.79
N VAL C 179 20.83 -10.13 6.65
CA VAL C 179 20.42 -8.78 7.07
C VAL C 179 20.41 -8.61 8.60
N THR C 180 21.08 -7.57 9.11
CA THR C 180 21.08 -7.28 10.54
C THR C 180 19.93 -6.29 10.87
N LEU C 181 18.96 -6.73 11.66
CA LEU C 181 17.81 -5.86 12.01
C LEU C 181 17.98 -5.09 13.33
N GLY C 182 18.84 -5.58 14.23
CA GLY C 182 18.98 -5.02 15.59
C GLY C 182 17.63 -4.81 16.25
N LYS C 183 17.48 -3.65 16.90
CA LYS C 183 16.16 -3.26 17.45
C LYS C 183 15.31 -2.73 16.33
N SER C 184 14.26 -3.47 16.02
CA SER C 184 13.45 -3.15 14.86
C SER C 184 12.16 -2.47 15.28
N PHE C 185 11.96 -1.25 14.83
CA PHE C 185 10.68 -0.55 15.00
C PHE C 185 9.57 -1.32 14.31
N LEU C 186 8.57 -1.70 15.09
CA LEU C 186 7.44 -2.38 14.53
C LEU C 186 6.39 -1.42 14.02
N GLN C 187 6.17 -1.49 12.72
CA GLN C 187 5.17 -0.66 12.05
C GLN C 187 4.14 -1.59 11.42
N PHE C 188 2.91 -1.59 11.96
CA PHE C 188 1.84 -2.35 11.35
C PHE C 188 1.42 -1.58 10.13
N SER C 189 1.05 -2.28 9.07
CA SER C 189 0.79 -1.63 7.81
C SER C 189 -0.51 -2.18 7.31
N ALA C 190 -1.28 -1.30 6.69
CA ALA C 190 -2.61 -1.65 6.22
C ALA C 190 -2.57 -2.59 5.00
N MET C 191 -1.37 -3.04 4.63
CA MET C 191 -1.14 -4.01 3.54
C MET C 191 -1.59 -5.45 3.86
N MET D 2 18.94 9.07 1.51
CA MET D 2 18.65 7.89 2.40
C MET D 2 18.39 8.33 3.85
N ALA D 3 17.21 7.98 4.36
CA ALA D 3 16.74 8.38 5.71
C ALA D 3 17.50 7.71 6.86
N HIS D 4 17.22 8.16 8.08
CA HIS D 4 17.75 7.55 9.30
C HIS D 4 16.73 6.60 9.86
N SER D 5 17.20 5.62 10.65
CA SER D 5 16.28 4.76 11.41
C SER D 5 15.54 5.61 12.43
N PRO D 6 14.35 5.15 12.85
CA PRO D 6 13.72 5.81 14.00
C PRO D 6 14.74 5.88 15.13
N PRO D 7 14.82 7.02 15.85
CA PRO D 7 15.80 7.11 16.95
C PRO D 7 15.70 5.92 17.91
N GLY D 8 16.86 5.41 18.32
CA GLY D 8 16.97 4.23 19.16
C GLY D 8 16.58 2.92 18.48
N HIS D 9 16.42 2.91 17.13
CA HIS D 9 16.17 1.67 16.37
C HIS D 9 17.18 1.45 15.26
N HIS D 10 17.37 0.20 14.84
CA HIS D 10 18.32 -0.12 13.75
C HIS D 10 17.65 -0.48 12.45
N SER D 11 16.32 -0.55 12.44
CA SER D 11 15.57 -0.95 11.25
C SER D 11 14.11 -0.80 11.53
N VAL D 12 13.30 -1.02 10.50
CA VAL D 12 11.86 -1.05 10.61
C VAL D 12 11.35 -2.40 10.10
N THR D 13 10.42 -2.98 10.85
CA THR D 13 9.64 -4.13 10.44
C THR D 13 8.29 -3.63 10.01
N GLY D 14 7.99 -3.88 8.74
CA GLY D 14 6.75 -3.51 8.13
C GLY D 14 5.91 -4.76 8.14
N ARG D 15 4.91 -4.80 9.01
CA ARG D 15 4.13 -6.03 9.20
C ARG D 15 2.71 -5.88 8.69
N PRO D 16 2.36 -6.57 7.59
CA PRO D 16 0.99 -6.46 7.05
C PRO D 16 -0.06 -6.90 8.08
N SER D 17 -1.09 -6.08 8.24
CA SER D 17 -2.11 -6.29 9.26
C SER D 17 -3.46 -6.69 8.66
N VAL D 18 -3.59 -6.58 7.34
CA VAL D 18 -4.85 -6.90 6.63
C VAL D 18 -4.76 -8.27 5.92
N ASN D 19 -3.76 -8.44 5.06
CA ASN D 19 -3.53 -9.76 4.47
C ASN D 19 -2.82 -10.69 5.46
N GLY D 20 -3.60 -11.63 6.00
CA GLY D 20 -3.12 -12.56 7.03
C GLY D 20 -2.08 -13.54 6.49
N LEU D 21 -2.02 -13.68 5.16
CA LEU D 21 -1.03 -14.57 4.51
C LEU D 21 0.25 -13.88 4.01
N ALA D 22 0.28 -12.55 4.09
CA ALA D 22 1.45 -11.82 3.65
C ALA D 22 2.48 -11.83 4.76
N LEU D 23 3.74 -12.10 4.41
CA LEU D 23 4.80 -12.07 5.42
C LEU D 23 5.39 -10.66 5.60
N ALA D 24 6.29 -10.50 6.55
CA ALA D 24 6.84 -9.18 6.87
C ALA D 24 7.80 -8.70 5.79
N GLU D 25 7.93 -7.36 5.76
CA GLU D 25 8.93 -6.65 4.97
C GLU D 25 9.79 -5.80 5.93
N TYR D 26 11.03 -5.48 5.55
CA TYR D 26 12.01 -4.90 6.48
C TYR D 26 12.81 -3.85 5.75
N VAL D 27 13.20 -2.79 6.46
CA VAL D 27 13.96 -1.66 5.87
C VAL D 27 15.14 -1.39 6.74
N ILE D 28 16.32 -1.27 6.12
CA ILE D 28 17.52 -0.79 6.80
C ILE D 28 17.95 0.53 6.17
N TYR D 29 18.74 1.28 6.93
CA TYR D 29 19.13 2.62 6.51
C TYR D 29 20.63 2.76 6.41
N ARG D 30 21.34 1.64 6.52
CA ARG D 30 22.79 1.64 6.27
C ARG D 30 23.07 0.44 5.40
N GLY D 31 23.76 0.66 4.27
CA GLY D 31 24.14 -0.44 3.37
C GLY D 31 24.96 -1.54 4.03
N GLU D 32 25.81 -1.17 4.98
CA GLU D 32 26.58 -2.14 5.78
C GLU D 32 25.76 -3.15 6.63
N GLN D 33 24.44 -2.99 6.72
CA GLN D 33 23.62 -3.94 7.50
C GLN D 33 23.02 -5.09 6.71
N ALA D 34 23.49 -5.27 5.46
CA ALA D 34 23.10 -6.41 4.63
C ALA D 34 24.30 -6.91 3.79
N TYR D 35 24.37 -8.21 3.59
CA TYR D 35 25.41 -8.83 2.77
C TYR D 35 24.68 -9.69 1.74
N PRO D 36 24.93 -9.46 0.44
CA PRO D 36 24.23 -10.16 -0.64
C PRO D 36 24.76 -11.58 -0.79
N GLU D 37 24.31 -12.51 0.03
CA GLU D 37 25.02 -13.79 0.16
C GLU D 37 24.81 -14.80 -0.97
N TYR D 38 23.57 -14.94 -1.46
CA TYR D 38 23.28 -15.81 -2.62
C TYR D 38 22.67 -15.04 -3.76
N LEU D 39 23.15 -15.35 -4.97
CA LEU D 39 22.55 -14.85 -6.22
C LEU D 39 21.75 -15.97 -6.91
N ILE D 40 20.44 -15.78 -7.05
CA ILE D 40 19.52 -16.82 -7.58
C ILE D 40 19.05 -16.41 -8.97
N THR D 41 19.31 -17.27 -9.97
CA THR D 41 18.85 -17.03 -11.33
C THR D 41 17.72 -18.02 -11.56
N TYR D 42 16.59 -17.56 -12.10
CA TYR D 42 15.32 -18.33 -12.14
C TYR D 42 14.36 -17.83 -13.24
N GLN D 43 13.36 -18.65 -13.56
CA GLN D 43 12.20 -18.15 -14.32
C GLN D 43 10.98 -18.33 -13.45
N ILE D 44 9.96 -17.46 -13.62
CA ILE D 44 8.67 -17.77 -13.01
C ILE D 44 8.07 -18.83 -13.95
N MET D 45 7.23 -19.72 -13.43
CA MET D 45 6.58 -20.73 -14.26
C MET D 45 5.09 -20.45 -14.48
N ARG D 46 4.64 -20.60 -15.72
CA ARG D 46 3.21 -20.45 -16.02
C ARG D 46 2.43 -21.58 -15.37
N PRO D 47 1.41 -21.27 -14.55
CA PRO D 47 0.63 -22.30 -13.87
C PRO D 47 -0.08 -23.25 -14.86
N GLU D 48 -0.32 -24.47 -14.40
CA GLU D 48 -1.14 -25.44 -15.11
C GLU D 48 -2.48 -25.52 -14.44
ZN ZN E . -1.55 4.18 16.33
S SO4 F . -17.01 19.81 11.55
O1 SO4 F . -17.91 20.04 10.41
O2 SO4 F . -16.06 20.95 11.56
O3 SO4 F . -17.85 19.75 12.76
O4 SO4 F . -16.43 18.50 11.30
S SO4 G . 2.46 21.69 8.90
O1 SO4 G . 1.21 22.37 9.30
O2 SO4 G . 2.77 22.08 7.50
O3 SO4 G . 3.51 22.11 9.86
O4 SO4 G . 2.32 20.21 8.94
CAG AGI H . -18.77 5.27 7.42
CAE AGI H . -19.20 4.11 8.10
CAM AGI H . -20.16 4.22 9.11
OAB AGI H . -20.57 3.11 9.80
CAF AGI H . -20.72 5.46 9.44
CAH AGI H . -20.30 6.60 8.76
CAP AGI H . -19.33 6.52 7.75
CAQ AGI H . -18.98 7.71 7.09
OAL AGI H . -19.72 8.78 7.52
CAJ AGI H . -17.94 7.86 6.17
CAR AGI H . -17.75 9.13 5.59
OAA AGI H . -16.77 9.31 4.85
CAT AGI H . -18.58 10.21 6.02
CAS AGI H . -19.55 10.03 7.01
CAK AGI H . -20.37 11.07 7.46
CAN AGI H . -20.23 12.35 6.92
OAC AGI H . -21.07 13.35 7.35
CAI AGI H . -19.28 12.58 5.91
CAO AGI H . -18.47 11.50 5.49
OAD AGI H . -17.55 11.67 4.51
C1 PEG I . -12.59 -0.91 -13.11
O1 PEG I . -12.14 -2.02 -13.89
C2 PEG I . -11.78 0.35 -13.35
O2 PEG I . -12.63 1.31 -13.98
C3 PEG I . -12.39 2.68 -13.60
C4 PEG I . -12.24 3.53 -14.86
O4 PEG I . -12.88 4.81 -14.69
ZN ZN J . 11.06 -11.68 -21.72
S SO4 K . 0.68 -7.24 -2.22
O1 SO4 K . 0.03 -5.96 -2.48
O2 SO4 K . 1.92 -7.45 -2.97
O3 SO4 K . 1.13 -7.10 -0.83
O4 SO4 K . -0.26 -8.39 -2.23
S SO4 L . 1.42 -24.78 -11.08
O1 SO4 L . 0.36 -23.89 -10.57
O2 SO4 L . 2.59 -23.99 -11.54
O3 SO4 L . 1.90 -25.68 -10.00
O4 SO4 L . 0.83 -25.54 -12.22
C1 PEG M . 32.80 -14.32 1.77
O1 PEG M . 34.11 -13.88 2.13
C2 PEG M . 32.05 -14.79 3.01
O2 PEG M . 30.91 -15.57 2.63
C3 PEG M . 29.78 -15.31 3.46
C4 PEG M . 29.13 -16.63 3.88
O4 PEG M . 28.93 -16.62 5.30
CAG AGI N . 12.84 -0.80 -4.51
CAE AGI N . 13.39 0.23 -5.27
CAM AGI N . 14.60 0.07 -5.93
OAB AGI N . 15.13 1.08 -6.64
CAF AGI N . 15.26 -1.17 -5.85
CAH AGI N . 14.71 -2.21 -5.11
CAP AGI N . 13.49 -2.04 -4.43
CAQ AGI N . 12.92 -3.05 -3.66
OAL AGI N . 11.79 -2.66 -2.99
CAJ AGI N . 13.41 -4.36 -3.55
CAR AGI N . 12.74 -5.26 -2.72
OAA AGI N . 13.12 -6.45 -2.67
CAT AGI N . 11.59 -4.83 -2.01
CAS AGI N . 11.12 -3.52 -2.16
CAK AGI N . 9.99 -3.06 -1.48
CAN AGI N . 9.31 -3.94 -0.61
OAC AGI N . 8.20 -3.50 0.09
CAI AGI N . 9.77 -5.23 -0.41
CAO AGI N . 10.93 -5.66 -1.09
OAD AGI N . 11.39 -6.93 -0.92
#